data_3BKW
#
_entry.id   3BKW
#
_cell.length_a   58.330
_cell.length_b   58.480
_cell.length_c   142.030
_cell.angle_alpha   90.000
_cell.angle_beta   90.000
_cell.angle_gamma   90.000
#
_symmetry.space_group_name_H-M   'P 21 21 21'
#
loop_
_entity.id
_entity.type
_entity.pdbx_description
1 polymer 'S-adenosylmethionine dependent methyltransferase'
2 non-polymer 1,2-ETHANEDIOL
3 water water
#
_entity_poly.entity_id   1
_entity_poly.type   'polypeptide(L)'
_entity_poly.pdbx_seq_one_letter_code
;G(MSE)AQNIYDQPDFFAGYSQLGRSIEGLDGAAEWPALRA(MSE)LPEVGGLRIVDLGCGFGWFCRWAHEHGASYVLGL
DLSEK(MSE)LARARAAGPDTGITYERADLDKLHLPQDSFDLAYSSLALHYVEDVARLFRTVHQALSPGGHFVFSTEHPI
Y(MSE)APARPGWAIDAEGRRTWPIDRYLVEGPRKTDWLAKGVVKHHRTVGTTLNALIRSGFAIEHVEEFCPTDAQITAR
PELAEELDRP(MSE)FLLVSARR
;
_entity_poly.pdbx_strand_id   A,B
#
loop_
_chem_comp.id
_chem_comp.type
_chem_comp.name
_chem_comp.formula
EDO non-polymer 1,2-ETHANEDIOL 'C2 H6 O2'
#
# COMPACT_ATOMS: atom_id res chain seq x y z
N GLY A 25 1.75 25.53 13.05
CA GLY A 25 2.17 25.10 11.68
C GLY A 25 2.52 23.62 11.63
N LEU A 26 3.80 23.30 11.38
CA LEU A 26 4.27 21.90 11.32
C LEU A 26 4.13 21.18 12.66
N ASP A 27 4.45 21.88 13.75
CA ASP A 27 4.31 21.31 15.10
C ASP A 27 2.85 20.99 15.50
N GLY A 28 1.88 21.58 14.77
CA GLY A 28 0.46 21.29 14.94
C GLY A 28 -0.04 20.09 14.13
N ALA A 29 0.70 19.69 13.07
CA ALA A 29 0.30 18.58 12.20
C ALA A 29 0.77 17.26 12.79
N ALA A 30 -0.19 16.42 13.20
CA ALA A 30 0.08 15.12 13.81
C ALA A 30 0.94 14.22 12.95
N GLU A 31 0.72 14.29 11.63
CA GLU A 31 1.46 13.49 10.67
C GLU A 31 2.82 14.04 10.23
N TRP A 32 3.16 15.25 10.65
CA TRP A 32 4.46 15.85 10.26
C TRP A 32 5.68 15.03 10.70
N PRO A 33 5.79 14.67 11.98
CA PRO A 33 6.95 13.85 12.38
C PRO A 33 7.19 12.57 11.56
N ALA A 34 6.11 11.85 11.26
CA ALA A 34 6.17 10.64 10.43
C ALA A 34 6.62 10.94 9.01
N LEU A 35 6.10 12.02 8.44
CA LEU A 35 6.47 12.42 7.07
C LEU A 35 7.91 12.95 7.05
N ARG A 36 8.26 13.75 8.06
CA ARG A 36 9.63 14.27 8.21
C ARG A 36 10.66 13.13 8.27
N ALA A 37 10.32 12.07 9.00
CA ALA A 37 11.19 10.90 9.15
C ALA A 37 11.47 10.17 7.82
N MSE A 38 10.55 10.33 6.86
CA MSE A 38 10.64 9.72 5.54
C MSE A 38 11.46 10.53 4.54
O MSE A 38 11.87 10.01 3.51
CB MSE A 38 9.23 9.50 5.01
CG MSE A 38 8.45 8.51 5.84
SE MSE A 38 6.56 8.54 5.45
CE MSE A 38 6.61 8.23 3.53
N LEU A 39 11.73 11.79 4.87
CA LEU A 39 12.50 12.66 3.99
C LEU A 39 13.95 12.26 3.96
N PRO A 40 14.64 12.55 2.84
CA PRO A 40 16.08 12.37 2.85
C PRO A 40 16.68 13.52 3.67
N GLU A 41 17.98 13.46 3.98
CA GLU A 41 18.65 14.62 4.58
C GLU A 41 18.49 15.80 3.59
N VAL A 42 17.92 16.91 4.07
CA VAL A 42 17.61 18.06 3.19
C VAL A 42 18.78 19.03 2.98
N GLY A 43 19.86 18.87 3.76
CA GLY A 43 21.02 19.73 3.65
C GLY A 43 21.62 19.73 2.26
N GLY A 44 21.69 20.91 1.67
CA GLY A 44 22.27 21.12 0.35
C GLY A 44 21.37 20.76 -0.82
N LEU A 45 20.13 20.34 -0.56
CA LEU A 45 19.25 19.89 -1.64
C LEU A 45 18.47 21.02 -2.29
N ARG A 46 18.10 20.77 -3.54
CA ARG A 46 17.20 21.61 -4.32
C ARG A 46 15.85 20.93 -4.12
N ILE A 47 14.87 21.69 -3.62
CA ILE A 47 13.57 21.15 -3.23
C ILE A 47 12.42 21.91 -3.85
N VAL A 48 11.38 21.17 -4.26
CA VAL A 48 10.14 21.78 -4.71
C VAL A 48 9.01 21.32 -3.77
N ASP A 49 8.19 22.28 -3.32
CA ASP A 49 7.06 22.03 -2.45
C ASP A 49 5.81 22.25 -3.25
N LEU A 50 5.07 21.17 -3.53
CA LEU A 50 3.87 21.22 -4.36
C LEU A 50 2.65 21.43 -3.46
N GLY A 51 2.09 22.64 -3.52
CA GLY A 51 0.92 23.04 -2.69
C GLY A 51 1.49 23.52 -1.36
N CYS A 52 2.37 24.51 -1.45
CA CYS A 52 3.13 24.99 -0.28
C CYS A 52 2.35 25.80 0.75
N GLY A 53 1.18 26.31 0.38
CA GLY A 53 0.37 27.13 1.26
C GLY A 53 1.17 28.31 1.78
N PHE A 54 1.11 28.50 3.11
CA PHE A 54 1.82 29.58 3.80
C PHE A 54 3.35 29.37 3.83
N GLY A 55 3.85 28.24 3.34
CA GLY A 55 5.29 27.98 3.25
C GLY A 55 5.95 27.39 4.48
N TRP A 56 5.17 26.73 5.34
CA TRP A 56 5.72 26.15 6.58
C TRP A 56 6.87 25.17 6.30
N PHE A 57 6.66 24.27 5.34
CA PHE A 57 7.69 23.31 4.97
C PHE A 57 8.88 24.01 4.29
N CYS A 58 8.59 24.98 3.43
CA CYS A 58 9.64 25.74 2.72
C CYS A 58 10.63 26.35 3.70
N ARG A 59 10.09 27.02 4.73
CA ARG A 59 10.93 27.60 5.78
C ARG A 59 11.66 26.55 6.60
N TRP A 60 10.99 25.46 6.95
CA TRP A 60 11.65 24.35 7.67
C TRP A 60 12.84 23.82 6.87
N ALA A 61 12.63 23.59 5.58
CA ALA A 61 13.69 23.05 4.71
C ALA A 61 14.87 24.00 4.61
N HIS A 62 14.58 25.29 4.45
CA HIS A 62 15.63 26.32 4.43
C HIS A 62 16.39 26.34 5.76
N GLU A 63 15.65 26.35 6.86
CA GLU A 63 16.29 26.30 8.21
C GLU A 63 17.22 25.10 8.38
N HIS A 64 16.89 23.98 7.74
CA HIS A 64 17.67 22.74 7.81
C HIS A 64 18.70 22.56 6.69
N GLY A 65 19.04 23.66 6.02
CA GLY A 65 20.14 23.70 5.08
C GLY A 65 19.88 23.46 3.62
N ALA A 66 18.63 23.47 3.18
CA ALA A 66 18.31 23.31 1.75
C ALA A 66 18.97 24.41 0.93
N SER A 67 19.63 24.03 -0.17
CA SER A 67 20.31 25.02 -1.03
C SER A 67 19.32 25.91 -1.75
N TYR A 68 18.18 25.35 -2.14
CA TYR A 68 17.15 26.07 -2.88
C TYR A 68 15.79 25.41 -2.68
N VAL A 69 14.78 26.24 -2.43
CA VAL A 69 13.39 25.77 -2.25
C VAL A 69 12.47 26.57 -3.18
N LEU A 70 11.69 25.85 -3.99
CA LEU A 70 10.65 26.44 -4.85
C LEU A 70 9.32 26.01 -4.25
N GLY A 71 8.55 26.96 -3.76
CA GLY A 71 7.23 26.72 -3.18
C GLY A 71 6.18 27.10 -4.21
N LEU A 72 5.30 26.16 -4.55
CA LEU A 72 4.24 26.37 -5.53
C LEU A 72 2.85 26.24 -4.91
N ASP A 73 1.97 27.18 -5.24
CA ASP A 73 0.58 27.16 -4.76
C ASP A 73 -0.28 27.94 -5.77
N LEU A 74 -1.57 27.65 -5.80
CA LEU A 74 -2.51 28.33 -6.71
C LEU A 74 -2.87 29.72 -6.21
N SER A 75 -2.85 29.95 -4.89
CA SER A 75 -3.26 31.22 -4.27
C SER A 75 -2.16 32.27 -4.21
N GLU A 76 -2.29 33.34 -5.02
CA GLU A 76 -1.31 34.44 -5.02
C GLU A 76 -1.26 35.12 -3.65
N LYS A 77 -2.42 35.34 -3.03
CA LYS A 77 -2.52 35.95 -1.70
C LYS A 77 -1.79 35.14 -0.63
N MSE A 78 -1.89 33.80 -0.72
CA MSE A 78 -1.22 32.93 0.24
CA MSE A 78 -1.24 32.89 0.23
C MSE A 78 0.29 32.97 0.02
O MSE A 78 1.07 32.96 0.99
CB MSE A 78 -1.78 31.51 0.21
CB MSE A 78 -1.81 31.46 0.06
CG MSE A 78 -1.19 30.63 1.28
CG MSE A 78 -1.83 30.54 1.30
SE MSE A 78 -1.34 31.39 3.08
SE MSE A 78 -2.98 28.95 0.98
CE MSE A 78 -3.19 30.88 3.36
CE MSE A 78 -2.89 28.11 2.73
N LEU A 79 0.72 33.02 -1.24
CA LEU A 79 2.14 33.14 -1.59
C LEU A 79 2.71 34.49 -1.11
N ALA A 80 1.89 35.55 -1.15
CA ALA A 80 2.31 36.88 -0.65
C ALA A 80 2.63 36.84 0.85
N ARG A 81 1.81 36.13 1.61
CA ARG A 81 2.03 35.93 3.07
C ARG A 81 3.28 35.08 3.30
N ALA A 82 3.47 34.03 2.49
CA ALA A 82 4.66 33.18 2.56
C ALA A 82 5.95 33.98 2.33
N ARG A 83 5.97 34.81 1.29
CA ARG A 83 7.15 35.66 1.00
C ARG A 83 7.50 36.57 2.17
N ALA A 84 6.48 37.28 2.67
CA ALA A 84 6.60 38.18 3.84
C ALA A 84 7.20 37.51 5.09
N ALA A 85 6.91 36.23 5.28
CA ALA A 85 7.42 35.46 6.43
C ALA A 85 8.94 35.17 6.39
N GLY A 86 9.61 35.41 5.24
CA GLY A 86 11.07 35.25 5.09
C GLY A 86 11.50 33.82 4.85
N PRO A 87 12.81 33.59 4.62
CA PRO A 87 13.93 34.52 4.55
C PRO A 87 14.02 35.22 3.20
N ASP A 88 14.97 36.15 3.09
CA ASP A 88 15.17 36.94 1.88
C ASP A 88 15.81 36.18 0.71
N THR A 89 16.62 35.15 0.99
CA THR A 89 17.22 34.31 -0.06
C THR A 89 17.05 32.81 0.20
N GLY A 90 17.08 32.06 -0.90
CA GLY A 90 17.00 30.61 -0.87
C GLY A 90 15.63 29.99 -1.09
N ILE A 91 14.55 30.78 -0.94
CA ILE A 91 13.19 30.31 -1.17
C ILE A 91 12.50 31.20 -2.20
N THR A 92 12.04 30.59 -3.29
CA THR A 92 11.27 31.26 -4.35
C THR A 92 9.85 30.72 -4.28
N TYR A 93 8.86 31.63 -4.35
CA TYR A 93 7.44 31.25 -4.38
C TYR A 93 6.88 31.64 -5.73
N GLU A 94 6.17 30.72 -6.37
CA GLU A 94 5.55 30.99 -7.67
C GLU A 94 4.16 30.41 -7.71
N ARG A 95 3.26 31.10 -8.39
CA ARG A 95 1.89 30.64 -8.54
C ARG A 95 1.87 29.49 -9.55
N ALA A 96 1.17 28.41 -9.24
CA ALA A 96 1.07 27.25 -10.14
C ALA A 96 -0.20 26.47 -9.91
N ASP A 97 -0.70 25.86 -10.98
CA ASP A 97 -1.88 25.00 -10.96
C ASP A 97 -1.34 23.58 -11.05
N LEU A 98 -1.48 22.81 -9.96
CA LEU A 98 -0.97 21.43 -9.95
C LEU A 98 -1.61 20.49 -11.00
N ASP A 99 -2.81 20.84 -11.48
CA ASP A 99 -3.46 20.10 -12.59
C ASP A 99 -2.81 20.37 -13.94
N LYS A 100 -2.05 21.46 -14.07
CA LYS A 100 -1.36 21.84 -15.30
C LYS A 100 0.11 22.14 -14.99
N LEU A 101 0.70 21.30 -14.14
CA LEU A 101 2.04 21.51 -13.65
C LEU A 101 3.14 21.29 -14.67
N HIS A 102 4.06 22.27 -14.72
CA HIS A 102 5.25 22.19 -15.55
CA HIS A 102 5.26 22.22 -15.56
C HIS A 102 6.43 22.44 -14.61
N LEU A 103 7.48 21.63 -14.75
CA LEU A 103 8.68 21.76 -13.95
C LEU A 103 9.89 21.58 -14.85
N PRO A 104 10.98 22.35 -14.60
CA PRO A 104 12.18 22.17 -15.38
C PRO A 104 12.82 20.81 -15.10
N GLN A 105 13.37 20.20 -16.13
CA GLN A 105 13.94 18.86 -16.05
C GLN A 105 15.22 18.84 -15.21
N ASP A 106 15.42 17.75 -14.47
CA ASP A 106 16.67 17.49 -13.74
C ASP A 106 17.09 18.68 -12.84
N SER A 107 16.10 19.29 -12.18
CA SER A 107 16.28 20.52 -11.38
C SER A 107 16.09 20.42 -9.87
N PHE A 108 15.63 19.26 -9.39
CA PHE A 108 15.38 19.06 -7.96
C PHE A 108 15.87 17.73 -7.47
N ASP A 109 16.28 17.71 -6.20
CA ASP A 109 16.71 16.49 -5.53
C ASP A 109 15.55 15.88 -4.73
N LEU A 110 14.59 16.73 -4.33
CA LEU A 110 13.44 16.31 -3.54
C LEU A 110 12.21 17.06 -3.96
N ALA A 111 11.12 16.33 -4.14
CA ALA A 111 9.79 16.91 -4.31
C ALA A 111 8.98 16.52 -3.07
N TYR A 112 8.36 17.52 -2.45
CA TYR A 112 7.53 17.35 -1.27
C TYR A 112 6.13 17.87 -1.52
N SER A 113 5.13 17.21 -0.94
CA SER A 113 3.76 17.71 -1.01
C SER A 113 2.92 17.25 0.15
N SER A 114 2.35 18.19 0.90
CA SER A 114 1.47 17.90 2.00
C SER A 114 0.00 18.15 1.64
N LEU A 115 -0.76 17.06 1.58
CA LEU A 115 -2.22 17.12 1.46
C LEU A 115 -2.74 17.96 0.31
N ALA A 116 -2.13 17.77 -0.86
CA ALA A 116 -2.50 18.46 -2.09
C ALA A 116 -2.91 17.52 -3.23
N LEU A 117 -2.25 16.37 -3.35
CA LEU A 117 -2.44 15.50 -4.48
C LEU A 117 -3.77 14.82 -4.57
N HIS A 118 -4.49 14.71 -3.45
CA HIS A 118 -5.86 14.18 -3.48
C HIS A 118 -6.85 15.10 -4.20
N TYR A 119 -6.45 16.34 -4.51
CA TYR A 119 -7.27 17.27 -5.30
C TYR A 119 -6.93 17.31 -6.80
N VAL A 120 -5.94 16.50 -7.21
CA VAL A 120 -5.46 16.46 -8.61
C VAL A 120 -6.14 15.29 -9.29
N GLU A 121 -6.89 15.56 -10.38
CA GLU A 121 -7.62 14.51 -11.08
CA GLU A 121 -7.62 14.51 -11.09
C GLU A 121 -6.69 13.54 -11.80
N ASP A 122 -5.78 14.08 -12.60
CA ASP A 122 -4.82 13.27 -13.37
C ASP A 122 -3.50 13.22 -12.61
N VAL A 123 -3.48 12.41 -11.56
CA VAL A 123 -2.31 12.35 -10.68
C VAL A 123 -1.11 11.70 -11.38
N ALA A 124 -1.37 10.73 -12.27
CA ALA A 124 -0.31 10.08 -13.04
C ALA A 124 0.49 11.08 -13.87
N ARG A 125 -0.20 12.05 -14.47
CA ARG A 125 0.45 13.13 -15.23
CA ARG A 125 0.46 13.12 -15.23
C ARG A 125 1.40 13.90 -14.31
N LEU A 126 0.88 14.27 -13.14
CA LEU A 126 1.71 14.97 -12.13
C LEU A 126 2.93 14.13 -11.72
N PHE A 127 2.74 12.84 -11.49
CA PHE A 127 3.86 11.95 -11.15
C PHE A 127 4.93 11.94 -12.24
N ARG A 128 4.52 11.87 -13.50
CA ARG A 128 5.48 11.89 -14.62
C ARG A 128 6.25 13.21 -14.68
N THR A 129 5.56 14.31 -14.38
CA THR A 129 6.17 15.63 -14.35
C THR A 129 7.20 15.73 -13.23
N VAL A 130 6.82 15.24 -12.04
CA VAL A 130 7.75 15.21 -10.90
C VAL A 130 8.95 14.31 -11.22
N HIS A 131 8.70 13.15 -11.83
CA HIS A 131 9.80 12.23 -12.16
C HIS A 131 10.85 12.91 -13.04
N GLN A 132 10.44 13.59 -14.11
CA GLN A 132 11.42 14.26 -15.00
C GLN A 132 12.13 15.48 -14.35
N ALA A 133 11.46 16.11 -13.39
CA ALA A 133 12.02 17.24 -12.66
C ALA A 133 13.10 16.81 -11.65
N LEU A 134 13.03 15.57 -11.20
CA LEU A 134 13.98 15.04 -10.22
C LEU A 134 15.26 14.53 -10.88
N SER A 135 16.39 14.82 -10.27
CA SER A 135 17.68 14.29 -10.75
C SER A 135 17.75 12.82 -10.33
N PRO A 136 18.56 12.00 -11.04
CA PRO A 136 18.69 10.58 -10.70
C PRO A 136 18.98 10.38 -9.21
N GLY A 137 18.25 9.45 -8.57
CA GLY A 137 18.35 9.20 -7.14
C GLY A 137 17.53 10.13 -6.26
N GLY A 138 16.79 11.06 -6.89
CA GLY A 138 15.97 12.01 -6.15
C GLY A 138 14.72 11.36 -5.59
N HIS A 139 14.07 12.03 -4.64
CA HIS A 139 12.88 11.51 -3.96
C HIS A 139 11.65 12.39 -4.09
N PHE A 140 10.49 11.75 -3.97
CA PHE A 140 9.18 12.39 -3.95
C PHE A 140 8.51 11.85 -2.69
N VAL A 141 8.23 12.74 -1.74
CA VAL A 141 7.64 12.37 -0.46
C VAL A 141 6.38 13.19 -0.30
N PHE A 142 5.24 12.51 -0.12
CA PHE A 142 3.99 13.22 -0.04
C PHE A 142 2.95 12.54 0.85
N SER A 143 2.01 13.37 1.33
CA SER A 143 0.88 12.92 2.10
C SER A 143 -0.39 13.23 1.36
N THR A 144 -1.36 12.33 1.49
CA THR A 144 -2.70 12.50 0.95
C THR A 144 -3.69 11.92 1.94
N GLU A 145 -4.96 12.27 1.80
CA GLU A 145 -6.01 11.61 2.53
C GLU A 145 -6.01 10.14 2.12
N HIS A 146 -6.14 9.29 3.12
CA HIS A 146 -6.13 7.82 2.90
C HIS A 146 -7.44 7.40 2.22
N PRO A 147 -7.38 6.40 1.29
CA PRO A 147 -8.65 5.95 0.71
C PRO A 147 -9.73 5.43 1.70
N ILE A 148 -9.33 4.88 2.85
CA ILE A 148 -10.30 4.50 3.89
C ILE A 148 -11.11 5.73 4.34
N TYR A 149 -10.42 6.85 4.50
CA TYR A 149 -11.03 8.10 4.88
C TYR A 149 -11.86 8.72 3.74
N MSE A 150 -11.37 8.64 2.51
CA MSE A 150 -12.07 9.24 1.34
C MSE A 150 -13.23 8.42 0.77
O MSE A 150 -14.13 8.99 0.16
CB MSE A 150 -11.09 9.46 0.19
CG MSE A 150 -10.00 10.45 0.49
SE MSE A 150 -8.99 10.86 -1.14
CE MSE A 150 -8.18 9.06 -1.47
N ALA A 151 -13.17 7.10 0.90
CA ALA A 151 -14.17 6.20 0.29
C ALA A 151 -15.65 6.45 0.57
N PRO A 152 -16.03 6.59 1.86
CA PRO A 152 -17.47 6.56 2.16
C PRO A 152 -18.35 7.68 1.57
N ALA A 153 -19.57 7.31 1.17
CA ALA A 153 -20.54 8.29 0.67
C ALA A 153 -20.97 9.24 1.80
N ARG A 154 -21.04 8.73 3.03
CA ARG A 154 -21.40 9.50 4.22
C ARG A 154 -20.32 9.24 5.26
N PRO A 155 -19.15 9.89 5.12
CA PRO A 155 -18.04 9.60 6.02
C PRO A 155 -18.32 10.11 7.42
N GLY A 156 -17.89 9.33 8.40
CA GLY A 156 -18.06 9.67 9.80
C GLY A 156 -17.96 8.46 10.68
N TRP A 157 -17.88 8.70 11.97
CA TRP A 157 -17.85 7.64 12.96
C TRP A 157 -19.26 7.11 13.22
N ALA A 158 -19.33 5.82 13.49
CA ALA A 158 -20.56 5.14 13.90
C ALA A 158 -20.27 4.47 15.24
N ILE A 159 -21.24 4.47 16.15
CA ILE A 159 -21.12 3.83 17.46
C ILE A 159 -22.04 2.62 17.39
N ASP A 160 -21.45 1.42 17.44
CA ASP A 160 -22.22 0.17 17.35
C ASP A 160 -23.00 -0.16 18.64
N ALA A 161 -23.75 -1.26 18.61
CA ALA A 161 -24.57 -1.75 19.75
C ALA A 161 -23.82 -1.88 21.08
N GLU A 162 -22.55 -2.29 21.00
CA GLU A 162 -21.69 -2.46 22.18
C GLU A 162 -21.01 -1.16 22.68
N GLY A 163 -21.21 -0.03 21.98
CA GLY A 163 -20.56 1.24 22.30
C GLY A 163 -19.19 1.41 21.67
N ARG A 164 -18.81 0.50 20.77
CA ARG A 164 -17.52 0.57 20.10
C ARG A 164 -17.56 1.58 18.95
N ARG A 165 -16.51 2.40 18.84
CA ARG A 165 -16.37 3.38 17.77
CA ARG A 165 -16.36 3.37 17.77
C ARG A 165 -15.92 2.62 16.51
N THR A 166 -16.62 2.86 15.39
CA THR A 166 -16.27 2.25 14.09
C THR A 166 -16.33 3.27 12.98
N TRP A 167 -15.67 2.94 11.87
CA TRP A 167 -15.60 3.77 10.67
C TRP A 167 -16.17 2.97 9.51
N PRO A 168 -17.47 3.15 9.19
CA PRO A 168 -18.08 2.44 8.07
C PRO A 168 -17.53 2.83 6.71
N ILE A 169 -17.16 1.82 5.92
CA ILE A 169 -16.61 1.98 4.59
C ILE A 169 -17.63 1.49 3.57
N ASP A 170 -17.81 2.25 2.50
CA ASP A 170 -18.53 1.79 1.30
C ASP A 170 -17.77 2.30 0.07
N ARG A 171 -18.01 1.63 -1.05
CA ARG A 171 -17.44 1.97 -2.36
C ARG A 171 -15.91 2.20 -2.38
N TYR A 172 -15.19 1.49 -1.52
CA TYR A 172 -13.72 1.62 -1.49
C TYR A 172 -13.06 1.33 -2.83
N LEU A 173 -13.63 0.37 -3.58
CA LEU A 173 -13.06 0.01 -4.89
C LEU A 173 -13.65 0.78 -6.07
N VAL A 174 -14.56 1.72 -5.78
CA VAL A 174 -15.17 2.54 -6.84
C VAL A 174 -14.41 3.86 -6.80
N GLU A 175 -13.49 4.04 -7.75
CA GLU A 175 -12.64 5.22 -7.78
C GLU A 175 -13.30 6.35 -8.51
N GLY A 176 -12.91 7.57 -8.17
CA GLY A 176 -13.46 8.76 -8.79
C GLY A 176 -13.61 9.91 -7.83
N PRO A 177 -14.17 11.02 -8.33
CA PRO A 177 -14.39 12.20 -7.51
C PRO A 177 -15.35 11.95 -6.35
N ARG A 178 -15.03 12.55 -5.20
CA ARG A 178 -15.88 12.53 -4.04
C ARG A 178 -16.20 13.98 -3.70
N LYS A 179 -17.48 14.26 -3.49
CA LYS A 179 -17.98 15.60 -3.14
C LYS A 179 -18.33 15.72 -1.67
N THR A 180 -17.81 14.81 -0.85
CA THR A 180 -18.15 14.78 0.58
C THR A 180 -17.59 15.95 1.40
N ASP A 181 -16.58 16.66 0.87
CA ASP A 181 -16.04 17.89 1.48
C ASP A 181 -16.39 19.14 0.65
N TRP A 182 -17.28 18.99 -0.34
CA TRP A 182 -17.64 20.11 -1.21
C TRP A 182 -18.35 21.22 -0.44
N LEU A 183 -19.38 20.88 0.36
CA LEU A 183 -20.09 21.91 1.13
C LEU A 183 -19.19 22.58 2.15
N ALA A 184 -18.51 21.80 2.99
CA ALA A 184 -17.68 22.36 4.07
C ALA A 184 -16.43 23.12 3.61
N LYS A 185 -15.74 22.55 2.64
CA LYS A 185 -14.42 23.05 2.17
C LYS A 185 -14.35 23.62 0.74
N GLY A 186 -15.38 23.39 -0.10
CA GLY A 186 -15.37 23.85 -1.49
C GLY A 186 -14.37 23.13 -2.38
N VAL A 187 -14.10 21.86 -2.07
CA VAL A 187 -13.13 21.03 -2.78
C VAL A 187 -13.74 19.68 -3.19
N VAL A 188 -13.30 19.17 -4.35
CA VAL A 188 -13.63 17.84 -4.85
C VAL A 188 -12.30 17.09 -4.72
N LYS A 189 -12.35 15.94 -4.06
CA LYS A 189 -11.17 15.07 -3.89
C LYS A 189 -11.34 13.87 -4.77
N HIS A 190 -10.23 13.20 -5.05
CA HIS A 190 -10.20 12.06 -5.96
C HIS A 190 -9.81 10.82 -5.22
N HIS A 191 -10.80 9.93 -5.10
CA HIS A 191 -10.63 8.70 -4.41
C HIS A 191 -9.90 7.72 -5.29
N ARG A 192 -8.74 7.27 -4.80
CA ARG A 192 -7.91 6.28 -5.48
C ARG A 192 -7.42 5.36 -4.39
N THR A 193 -7.43 4.05 -4.66
CA THR A 193 -6.97 3.07 -3.67
C THR A 193 -5.44 3.19 -3.50
N VAL A 194 -4.91 2.60 -2.41
CA VAL A 194 -3.45 2.59 -2.18
C VAL A 194 -2.75 1.94 -3.39
N GLY A 195 -3.26 0.80 -3.86
CA GLY A 195 -2.67 0.12 -5.03
C GLY A 195 -2.63 0.99 -6.26
N THR A 196 -3.72 1.70 -6.53
CA THR A 196 -3.78 2.60 -7.70
C THR A 196 -2.69 3.67 -7.61
N THR A 197 -2.55 4.30 -6.45
CA THR A 197 -1.53 5.33 -6.25
C THR A 197 -0.12 4.77 -6.44
N LEU A 198 0.15 3.63 -5.82
CA LEU A 198 1.48 3.04 -5.91
C LEU A 198 1.80 2.54 -7.32
N ASN A 199 0.83 1.90 -7.97
CA ASN A 199 1.02 1.43 -9.34
C ASN A 199 1.28 2.58 -10.31
N ALA A 200 0.61 3.70 -10.09
CA ALA A 200 0.82 4.91 -10.90
C ALA A 200 2.23 5.48 -10.71
N LEU A 201 2.73 5.48 -9.47
CA LEU A 201 4.12 5.86 -9.23
C LEU A 201 5.10 4.95 -9.95
N ILE A 202 4.86 3.65 -9.86
CA ILE A 202 5.75 2.65 -10.49
C ILE A 202 5.74 2.81 -12.02
N ARG A 203 4.55 2.91 -12.61
CA ARG A 203 4.40 3.10 -14.08
C ARG A 203 5.08 4.41 -14.55
N SER A 204 5.06 5.42 -13.68
CA SER A 204 5.70 6.73 -13.92
C SER A 204 7.24 6.72 -13.79
N GLY A 205 7.84 5.62 -13.33
CA GLY A 205 9.29 5.48 -13.21
C GLY A 205 9.89 5.46 -11.82
N PHE A 206 9.05 5.54 -10.79
CA PHE A 206 9.50 5.57 -9.41
C PHE A 206 9.61 4.17 -8.82
N ALA A 207 10.53 4.04 -7.86
CA ALA A 207 10.63 2.86 -7.03
C ALA A 207 9.96 3.26 -5.73
N ILE A 208 9.07 2.41 -5.18
CA ILE A 208 8.45 2.70 -3.87
C ILE A 208 9.51 2.47 -2.80
N GLU A 209 9.70 3.46 -1.94
CA GLU A 209 10.68 3.41 -0.85
C GLU A 209 10.05 3.15 0.51
N HIS A 210 8.91 3.78 0.79
CA HIS A 210 8.27 3.65 2.11
C HIS A 210 6.81 4.04 1.97
N VAL A 211 5.93 3.27 2.61
CA VAL A 211 4.49 3.51 2.60
C VAL A 211 4.01 3.44 4.06
N GLU A 212 3.32 4.48 4.51
CA GLU A 212 2.86 4.52 5.89
C GLU A 212 1.43 5.02 5.95
N GLU A 213 0.59 4.22 6.59
CA GLU A 213 -0.81 4.59 6.85
C GLU A 213 -0.67 5.15 8.24
N PHE A 214 -0.75 6.48 8.32
CA PHE A 214 -0.35 7.20 9.53
C PHE A 214 -1.07 6.72 10.76
N CYS A 215 -0.28 6.54 11.83
CA CYS A 215 -0.78 6.18 13.15
C CYS A 215 -0.02 7.02 14.16
N PRO A 216 -0.77 7.78 14.99
CA PRO A 216 -0.07 8.56 16.01
C PRO A 216 0.58 7.63 17.05
N THR A 217 1.69 8.08 17.62
CA THR A 217 2.37 7.28 18.63
C THR A 217 1.62 7.43 19.96
N ASP A 218 1.86 6.50 20.89
CA ASP A 218 1.27 6.59 22.23
C ASP A 218 1.65 7.91 22.90
N ALA A 219 2.90 8.35 22.72
CA ALA A 219 3.37 9.64 23.25
C ALA A 219 2.58 10.84 22.67
N GLN A 220 2.27 10.79 21.38
CA GLN A 220 1.44 11.83 20.73
C GLN A 220 0.02 11.86 21.31
N ILE A 221 -0.54 10.66 21.54
CA ILE A 221 -1.88 10.51 22.12
C ILE A 221 -1.92 11.04 23.56
N THR A 222 -0.84 10.85 24.33
CA THR A 222 -0.76 11.36 25.70
C THR A 222 -0.74 12.90 25.69
N ALA A 223 0.01 13.47 24.75
CA ALA A 223 0.09 14.93 24.57
C ALA A 223 -1.20 15.53 24.01
N ARG A 224 -1.84 14.81 23.08
CA ARG A 224 -3.08 15.21 22.40
C ARG A 224 -4.08 14.04 22.46
N PRO A 225 -4.84 13.92 23.56
CA PRO A 225 -5.86 12.85 23.74
C PRO A 225 -6.82 12.61 22.57
N GLU A 226 -7.16 13.67 21.85
CA GLU A 226 -8.07 13.56 20.68
C GLU A 226 -7.53 12.66 19.56
N LEU A 227 -6.21 12.45 19.51
CA LEU A 227 -5.61 11.54 18.54
C LEU A 227 -5.90 10.05 18.79
N ALA A 228 -6.38 9.67 19.98
CA ALA A 228 -6.73 8.27 20.30
C ALA A 228 -7.67 7.62 19.25
N GLU A 229 -8.65 8.38 18.74
CA GLU A 229 -9.57 7.87 17.71
C GLU A 229 -8.88 7.49 16.39
N GLU A 230 -7.70 8.08 16.13
CA GLU A 230 -6.94 7.81 14.91
C GLU A 230 -6.40 6.36 14.87
N LEU A 231 -6.41 5.65 16.01
CA LEU A 231 -6.03 4.21 16.04
C LEU A 231 -7.01 3.32 15.28
N ASP A 232 -8.26 3.76 15.13
CA ASP A 232 -9.29 2.95 14.48
C ASP A 232 -9.29 2.98 12.97
N ARG A 233 -8.95 4.13 12.39
CA ARG A 233 -8.85 4.23 10.95
C ARG A 233 -7.86 5.35 10.57
N PRO A 234 -7.11 5.17 9.48
CA PRO A 234 -6.15 6.18 9.08
C PRO A 234 -6.78 7.33 8.31
N MSE A 235 -6.41 8.56 8.65
CA MSE A 235 -6.82 9.72 7.89
C MSE A 235 -5.88 9.94 6.70
O MSE A 235 -6.34 10.47 5.67
CB MSE A 235 -6.82 10.99 8.75
CG MSE A 235 -7.41 12.17 8.05
SE MSE A 235 -7.67 13.64 9.28
CE MSE A 235 -8.92 12.82 10.46
N PHE A 236 -4.61 9.56 6.85
CA PHE A 236 -3.59 9.88 5.84
C PHE A 236 -2.78 8.71 5.35
N LEU A 237 -2.39 8.81 4.09
CA LEU A 237 -1.44 7.90 3.44
C LEU A 237 -0.18 8.73 3.20
N LEU A 238 0.96 8.21 3.64
CA LEU A 238 2.27 8.84 3.48
C LEU A 238 3.09 7.94 2.56
N VAL A 239 3.66 8.51 1.50
CA VAL A 239 4.47 7.74 0.56
C VAL A 239 5.80 8.44 0.22
N SER A 240 6.88 7.66 0.16
CA SER A 240 8.20 8.07 -0.31
CA SER A 240 8.17 8.13 -0.34
C SER A 240 8.55 7.21 -1.51
N ALA A 241 8.96 7.83 -2.60
CA ALA A 241 9.34 7.14 -3.83
C ALA A 241 10.65 7.73 -4.32
N ARG A 242 11.45 6.90 -4.96
CA ARG A 242 12.75 7.30 -5.48
C ARG A 242 12.79 7.15 -6.99
N ARG A 243 13.47 8.05 -7.67
CA ARG A 243 13.65 7.87 -9.11
C ARG A 243 15.11 7.50 -9.42
N GLY B 25 -10.74 -25.77 -8.50
CA GLY B 25 -9.90 -25.12 -7.45
C GLY B 25 -9.57 -23.68 -7.79
N LEU B 26 -8.57 -23.49 -8.65
CA LEU B 26 -8.16 -22.14 -9.12
C LEU B 26 -9.28 -21.43 -9.89
N ASP B 27 -10.05 -22.20 -10.67
CA ASP B 27 -11.22 -21.69 -11.42
C ASP B 27 -12.29 -21.08 -10.49
N GLY B 28 -12.40 -21.62 -9.27
CA GLY B 28 -13.32 -21.10 -8.25
C GLY B 28 -12.86 -19.81 -7.59
N ALA B 29 -11.54 -19.60 -7.48
CA ALA B 29 -10.96 -18.41 -6.82
C ALA B 29 -11.12 -17.15 -7.68
N ALA B 30 -11.98 -16.23 -7.24
CA ALA B 30 -12.23 -14.96 -7.94
C ALA B 30 -10.95 -14.13 -8.17
N GLU B 31 -10.03 -14.18 -7.20
CA GLU B 31 -8.75 -13.46 -7.28
C GLU B 31 -7.65 -14.14 -8.11
N TRP B 32 -7.84 -15.41 -8.50
CA TRP B 32 -6.83 -16.14 -9.29
C TRP B 32 -6.42 -15.46 -10.61
N PRO B 33 -7.38 -15.09 -11.50
CA PRO B 33 -6.99 -14.39 -12.73
C PRO B 33 -6.14 -13.12 -12.51
N ALA B 34 -6.50 -12.31 -11.51
CA ALA B 34 -5.73 -11.11 -11.15
C ALA B 34 -4.32 -11.49 -10.69
N LEU B 35 -4.22 -12.52 -9.85
CA LEU B 35 -2.92 -13.02 -9.34
C LEU B 35 -2.11 -13.68 -10.47
N ARG B 36 -2.78 -14.48 -11.31
CA ARG B 36 -2.15 -15.10 -12.49
C ARG B 36 -1.55 -14.04 -13.41
N ALA B 37 -2.30 -12.96 -13.62
CA ALA B 37 -1.86 -11.83 -14.45
C ALA B 37 -0.57 -11.16 -13.95
N MSE B 38 -0.32 -11.26 -12.64
CA MSE B 38 0.89 -10.72 -11.99
C MSE B 38 2.12 -11.63 -12.05
O MSE B 38 3.21 -11.18 -11.74
CB MSE B 38 0.57 -10.38 -10.53
CG MSE B 38 -0.49 -9.29 -10.42
SE MSE B 38 -1.36 -9.15 -8.74
CE MSE B 38 0.19 -8.71 -7.66
N LEU B 39 1.94 -12.89 -12.45
CA LEU B 39 3.04 -13.84 -12.50
C LEU B 39 3.93 -13.66 -13.72
N PRO B 40 5.22 -14.05 -13.61
CA PRO B 40 6.03 -14.11 -14.82
C PRO B 40 5.61 -15.35 -15.61
N GLU B 41 6.11 -15.50 -16.84
CA GLU B 41 5.87 -16.72 -17.61
C GLU B 41 6.54 -17.85 -16.83
N VAL B 42 5.77 -18.90 -16.52
CA VAL B 42 6.26 -20.02 -15.68
C VAL B 42 6.99 -21.16 -16.39
N GLY B 43 6.94 -21.20 -17.72
CA GLY B 43 7.63 -22.23 -18.48
C GLY B 43 9.13 -22.24 -18.18
N GLY B 44 9.64 -23.39 -17.77
CA GLY B 44 11.05 -23.54 -17.47
C GLY B 44 11.57 -22.98 -16.15
N LEU B 45 10.68 -22.51 -15.26
CA LEU B 45 11.09 -21.91 -13.98
C LEU B 45 11.11 -22.90 -12.83
N ARG B 46 11.93 -22.59 -11.83
CA ARG B 46 12.00 -23.31 -10.54
C ARG B 46 11.09 -22.48 -9.64
N ILE B 47 10.05 -23.12 -9.11
CA ILE B 47 9.00 -22.41 -8.36
C ILE B 47 8.79 -23.02 -6.99
N VAL B 48 8.64 -22.16 -5.98
CA VAL B 48 8.31 -22.58 -4.61
C VAL B 48 6.92 -22.01 -4.29
N ASP B 49 6.03 -22.88 -3.81
CA ASP B 49 4.66 -22.49 -3.41
C ASP B 49 4.59 -22.56 -1.87
N LEU B 50 4.52 -21.38 -1.23
CA LEU B 50 4.49 -21.27 0.24
C LEU B 50 3.05 -21.38 0.77
N GLY B 51 2.74 -22.49 1.45
CA GLY B 51 1.37 -22.77 1.90
C GLY B 51 0.56 -23.30 0.72
N CYS B 52 1.07 -24.37 0.12
CA CYS B 52 0.48 -24.97 -1.09
C CYS B 52 -0.86 -25.67 -0.93
N GLY B 53 -1.24 -26.01 0.31
CA GLY B 53 -2.49 -26.74 0.55
C GLY B 53 -2.59 -28.00 -0.29
N PHE B 54 -3.73 -28.18 -0.98
CA PHE B 54 -3.98 -29.35 -1.84
C PHE B 54 -3.10 -29.38 -3.12
N GLY B 55 -2.38 -28.30 -3.41
CA GLY B 55 -1.44 -28.21 -4.53
C GLY B 55 -2.00 -27.74 -5.86
N TRP B 56 -3.12 -26.99 -5.82
CA TRP B 56 -3.80 -26.49 -7.03
C TRP B 56 -2.83 -25.68 -7.90
N PHE B 57 -2.10 -24.75 -7.28
CA PHE B 57 -1.13 -23.93 -8.01
C PHE B 57 0.07 -24.76 -8.49
N CYS B 58 0.56 -25.68 -7.63
CA CYS B 58 1.69 -26.56 -7.99
C CYS B 58 1.41 -27.33 -9.25
N ARG B 59 0.21 -27.93 -9.32
CA ARG B 59 -0.20 -28.65 -10.53
C ARG B 59 -0.37 -27.73 -11.74
N TRP B 60 -0.96 -26.54 -11.53
CA TRP B 60 -1.12 -25.54 -12.60
C TRP B 60 0.25 -25.16 -13.18
N ALA B 61 1.20 -24.85 -12.29
CA ALA B 61 2.57 -24.45 -12.69
C ALA B 61 3.28 -25.55 -13.46
N HIS B 62 3.16 -26.78 -12.96
CA HIS B 62 3.71 -27.97 -13.61
C HIS B 62 3.13 -28.14 -15.02
N GLU B 63 1.80 -28.12 -15.11
CA GLU B 63 1.07 -28.23 -16.39
C GLU B 63 1.45 -27.15 -17.40
N HIS B 64 1.84 -25.98 -16.92
CA HIS B 64 2.33 -24.87 -17.75
C HIS B 64 3.85 -24.83 -17.96
N GLY B 65 4.51 -25.96 -17.70
CA GLY B 65 5.91 -26.14 -18.01
C GLY B 65 6.98 -25.74 -17.02
N ALA B 66 6.61 -25.54 -15.75
CA ALA B 66 7.62 -25.24 -14.73
C ALA B 66 8.59 -26.43 -14.64
N SER B 67 9.90 -26.14 -14.62
CA SER B 67 10.92 -27.19 -14.54
CA SER B 67 10.92 -27.19 -14.54
C SER B 67 10.91 -27.92 -13.21
N TYR B 68 10.72 -27.17 -12.12
CA TYR B 68 10.69 -27.72 -10.78
C TYR B 68 9.70 -26.93 -9.94
N VAL B 69 8.88 -27.65 -9.16
CA VAL B 69 7.90 -27.06 -8.25
C VAL B 69 8.08 -27.71 -6.87
N LEU B 70 8.31 -26.88 -5.85
CA LEU B 70 8.39 -27.29 -4.46
C LEU B 70 7.16 -26.72 -3.77
N GLY B 71 6.28 -27.58 -3.27
CA GLY B 71 5.08 -27.16 -2.54
C GLY B 71 5.32 -27.40 -1.06
N LEU B 72 5.13 -26.35 -0.25
CA LEU B 72 5.34 -26.43 1.18
C LEU B 72 4.05 -26.17 1.93
N ASP B 73 3.75 -27.01 2.91
CA ASP B 73 2.55 -26.80 3.76
C ASP B 73 2.81 -27.36 5.15
N LEU B 74 2.08 -26.85 6.15
CA LEU B 74 2.21 -27.31 7.53
C LEU B 74 1.56 -28.69 7.75
N SER B 75 0.55 -29.04 6.94
CA SER B 75 -0.23 -30.28 7.12
C SER B 75 0.29 -31.48 6.31
N GLU B 76 0.81 -32.48 7.01
CA GLU B 76 1.31 -33.71 6.37
C GLU B 76 0.18 -34.49 5.65
N LYS B 77 -1.01 -34.48 6.25
CA LYS B 77 -2.20 -35.10 5.66
C LYS B 77 -2.59 -34.41 4.35
N MSE B 78 -2.56 -33.07 4.34
CA MSE B 78 -2.86 -32.31 3.12
C MSE B 78 -1.83 -32.57 2.03
O MSE B 78 -2.21 -32.67 0.85
CB MSE B 78 -3.01 -30.81 3.40
CG MSE B 78 -3.47 -30.03 2.18
SE MSE B 78 -5.15 -30.65 1.44
CE MSE B 78 -6.35 -29.97 2.81
N LEU B 79 -0.55 -32.65 2.39
CA LEU B 79 0.52 -32.99 1.43
C LEU B 79 0.33 -34.39 0.85
N ALA B 80 -0.15 -35.33 1.66
CA ALA B 80 -0.46 -36.69 1.20
C ALA B 80 -1.55 -36.62 0.13
N ARG B 81 -2.58 -35.81 0.35
CA ARG B 81 -3.66 -35.60 -0.63
C ARG B 81 -3.12 -34.94 -1.92
N ALA B 82 -2.24 -33.96 -1.76
CA ALA B 82 -1.59 -33.28 -2.91
C ALA B 82 -0.74 -34.25 -3.73
N ARG B 83 0.10 -35.04 -3.04
CA ARG B 83 0.95 -36.04 -3.71
C ARG B 83 0.10 -37.04 -4.50
N ALA B 84 -0.98 -37.51 -3.89
CA ALA B 84 -1.92 -38.46 -4.53
C ALA B 84 -2.62 -37.91 -5.78
N ALA B 85 -2.82 -36.59 -5.83
CA ALA B 85 -3.42 -35.90 -6.98
C ALA B 85 -2.49 -35.85 -8.22
N GLY B 86 -1.21 -36.21 -8.04
CA GLY B 86 -0.26 -36.36 -9.15
C GLY B 86 0.34 -35.06 -9.65
N PRO B 87 1.24 -35.16 -10.66
CA PRO B 87 1.70 -36.38 -11.35
C PRO B 87 2.82 -37.11 -10.60
N ASP B 88 3.28 -38.21 -11.16
CA ASP B 88 4.36 -39.03 -10.57
C ASP B 88 5.68 -38.28 -10.39
N THR B 89 5.99 -37.35 -11.30
CA THR B 89 7.22 -36.53 -11.26
C THR B 89 6.92 -35.08 -11.61
N GLY B 90 7.83 -34.19 -11.21
CA GLY B 90 7.73 -32.75 -11.50
C GLY B 90 7.42 -31.86 -10.32
N ILE B 91 6.76 -32.42 -9.29
CA ILE B 91 6.39 -31.66 -8.09
C ILE B 91 6.88 -32.39 -6.86
N THR B 92 7.57 -31.66 -5.98
CA THR B 92 8.02 -32.18 -4.69
C THR B 92 7.22 -31.48 -3.61
N TYR B 93 6.62 -32.24 -2.69
CA TYR B 93 5.91 -31.66 -1.53
C TYR B 93 6.71 -31.95 -0.27
N GLU B 94 6.86 -30.93 0.57
CA GLU B 94 7.57 -31.08 1.87
C GLU B 94 6.84 -30.31 2.94
N ARG B 95 6.85 -30.84 4.15
CA ARG B 95 6.20 -30.19 5.28
C ARG B 95 7.10 -29.06 5.78
N ALA B 96 6.51 -27.89 6.03
CA ALA B 96 7.24 -26.73 6.54
C ALA B 96 6.33 -25.80 7.32
N ASP B 97 6.91 -25.15 8.34
CA ASP B 97 6.23 -24.13 9.11
C ASP B 97 6.80 -22.85 8.56
N LEU B 98 5.94 -22.03 7.94
CA LEU B 98 6.38 -20.77 7.35
C LEU B 98 6.97 -19.79 8.37
N ASP B 99 6.66 -19.95 9.66
CA ASP B 99 7.24 -19.13 10.74
C ASP B 99 8.72 -19.43 10.97
N LYS B 100 9.22 -20.57 10.51
CA LYS B 100 10.64 -20.89 10.66
C LYS B 100 11.14 -21.61 9.42
N LEU B 101 10.89 -20.95 8.29
CA LEU B 101 11.16 -21.51 6.98
C LEU B 101 12.65 -21.48 6.63
N HIS B 102 13.13 -22.60 6.10
CA HIS B 102 14.44 -22.67 5.50
C HIS B 102 14.22 -22.93 4.01
N LEU B 103 14.92 -22.18 3.17
CA LEU B 103 14.96 -22.41 1.72
C LEU B 103 16.41 -22.31 1.28
N PRO B 104 16.86 -23.21 0.39
CA PRO B 104 18.24 -23.07 -0.08
C PRO B 104 18.43 -21.79 -0.91
N GLN B 105 19.61 -21.19 -0.76
CA GLN B 105 19.95 -19.94 -1.44
C GLN B 105 20.03 -20.10 -2.95
N ASP B 106 19.55 -19.07 -3.67
CA ASP B 106 19.68 -18.98 -5.14
C ASP B 106 19.16 -20.26 -5.84
N SER B 107 17.98 -20.72 -5.42
CA SER B 107 17.39 -21.98 -5.88
C SER B 107 16.03 -21.88 -6.60
N PHE B 108 15.43 -20.69 -6.64
CA PHE B 108 14.11 -20.48 -7.25
C PHE B 108 14.06 -19.22 -8.07
N ASP B 109 13.22 -19.25 -9.10
CA ASP B 109 12.94 -18.13 -10.00
C ASP B 109 11.69 -17.38 -9.60
N LEU B 110 10.74 -18.10 -9.00
CA LEU B 110 9.46 -17.56 -8.56
C LEU B 110 9.07 -18.16 -7.22
N ALA B 111 8.65 -17.29 -6.28
CA ALA B 111 8.03 -17.71 -5.03
C ALA B 111 6.57 -17.23 -5.11
N TYR B 112 5.64 -18.16 -4.90
CA TYR B 112 4.20 -17.91 -4.94
C TYR B 112 3.62 -18.30 -3.59
N SER B 113 2.60 -17.55 -3.16
CA SER B 113 1.87 -17.88 -1.96
C SER B 113 0.45 -17.36 -2.01
N SER B 114 -0.53 -18.26 -1.87
CA SER B 114 -1.94 -17.90 -1.83
C SER B 114 -2.50 -18.05 -0.42
N LEU B 115 -2.88 -16.90 0.17
CA LEU B 115 -3.63 -16.85 1.42
C LEU B 115 -3.01 -17.65 2.56
N ALA B 116 -1.70 -17.47 2.69
CA ALA B 116 -0.89 -18.12 3.72
C ALA B 116 -0.12 -17.18 4.63
N LEU B 117 0.35 -16.03 4.10
CA LEU B 117 1.23 -15.15 4.87
C LEU B 117 0.58 -14.52 6.07
N HIS B 118 -0.75 -14.34 6.03
CA HIS B 118 -1.48 -13.78 7.18
C HIS B 118 -1.47 -14.69 8.43
N TYR B 119 -1.02 -15.94 8.27
CA TYR B 119 -0.82 -16.84 9.40
C TYR B 119 0.59 -16.74 9.99
N VAL B 120 1.50 -15.97 9.39
CA VAL B 120 2.90 -15.89 9.83
C VAL B 120 3.12 -14.71 10.75
N GLU B 121 3.72 -14.93 11.92
CA GLU B 121 3.95 -13.88 12.90
C GLU B 121 5.06 -12.92 12.47
N ASP B 122 6.26 -13.47 12.18
CA ASP B 122 7.42 -12.65 11.79
C ASP B 122 7.58 -12.72 10.28
N VAL B 123 6.76 -11.95 9.60
CA VAL B 123 6.77 -11.95 8.14
C VAL B 123 8.04 -11.35 7.53
N ALA B 124 8.67 -10.39 8.22
CA ALA B 124 9.92 -9.80 7.69
C ALA B 124 11.01 -10.88 7.60
N ARG B 125 11.13 -11.74 8.61
CA ARG B 125 12.10 -12.84 8.60
CA ARG B 125 12.11 -12.81 8.60
C ARG B 125 11.83 -13.77 7.43
N LEU B 126 10.56 -14.11 7.20
CA LEU B 126 10.18 -14.94 6.05
CA LEU B 126 10.18 -14.93 6.05
C LEU B 126 10.58 -14.26 4.73
N PHE B 127 10.32 -12.97 4.62
CA PHE B 127 10.70 -12.22 3.41
C PHE B 127 12.19 -12.25 3.13
N ARG B 128 13.02 -12.16 4.19
CA ARG B 128 14.47 -12.25 4.04
C ARG B 128 14.86 -13.65 3.52
N THR B 129 14.16 -14.69 4.00
CA THR B 129 14.41 -16.06 3.54
C THR B 129 14.02 -16.26 2.08
N VAL B 130 12.88 -15.69 1.68
CA VAL B 130 12.43 -15.77 0.29
C VAL B 130 13.39 -15.01 -0.63
N HIS B 131 13.81 -13.83 -0.19
CA HIS B 131 14.75 -12.99 -0.97
C HIS B 131 16.03 -13.75 -1.31
N GLN B 132 16.66 -14.35 -0.29
CA GLN B 132 17.91 -15.10 -0.50
C GLN B 132 17.72 -16.40 -1.32
N ALA B 133 16.52 -16.99 -1.28
CA ALA B 133 16.18 -18.21 -2.03
C ALA B 133 16.00 -17.94 -3.52
N LEU B 134 15.56 -16.73 -3.84
CA LEU B 134 15.36 -16.30 -5.21
C LEU B 134 16.66 -15.90 -5.90
N SER B 135 16.86 -16.40 -7.11
CA SER B 135 17.98 -15.96 -7.96
C SER B 135 17.79 -14.51 -8.41
N PRO B 136 18.90 -13.79 -8.71
CA PRO B 136 18.77 -12.40 -9.17
C PRO B 136 17.73 -12.23 -10.29
N GLY B 137 16.87 -11.22 -10.16
CA GLY B 137 15.76 -10.98 -11.08
C GLY B 137 14.51 -11.83 -10.81
N GLY B 138 14.53 -12.66 -9.76
CA GLY B 138 13.42 -13.52 -9.40
C GLY B 138 12.23 -12.74 -8.90
N HIS B 139 11.08 -13.40 -8.86
CA HIS B 139 9.82 -12.76 -8.49
C HIS B 139 9.15 -13.43 -7.30
N PHE B 140 8.43 -12.62 -6.53
CA PHE B 140 7.64 -13.04 -5.39
C PHE B 140 6.25 -12.46 -5.59
N VAL B 141 5.24 -13.32 -5.70
CA VAL B 141 3.86 -12.93 -5.94
C VAL B 141 2.97 -13.61 -4.93
N PHE B 142 2.16 -12.83 -4.22
CA PHE B 142 1.32 -13.41 -3.20
C PHE B 142 0.02 -12.68 -2.97
N SER B 143 -0.93 -13.41 -2.39
CA SER B 143 -2.20 -12.87 -1.93
C SER B 143 -2.29 -13.08 -0.42
N THR B 144 -2.96 -12.17 0.24
CA THR B 144 -3.20 -12.27 1.69
C THR B 144 -4.55 -11.60 1.94
N GLU B 145 -5.15 -11.86 3.08
CA GLU B 145 -6.36 -11.14 3.49
C GLU B 145 -5.97 -9.67 3.66
N HIS B 146 -6.85 -8.79 3.20
CA HIS B 146 -6.60 -7.35 3.21
C HIS B 146 -6.82 -6.84 4.64
N PRO B 147 -5.99 -5.88 5.11
CA PRO B 147 -6.22 -5.37 6.47
C PRO B 147 -7.60 -4.74 6.75
N ILE B 148 -8.30 -4.20 5.73
CA ILE B 148 -9.69 -3.72 5.89
C ILE B 148 -10.59 -4.87 6.31
N TYR B 149 -10.38 -6.03 5.68
CA TYR B 149 -11.14 -7.24 5.99
C TYR B 149 -10.81 -7.82 7.37
N MSE B 150 -9.52 -7.81 7.72
CA MSE B 150 -9.03 -8.37 8.97
C MSE B 150 -9.14 -7.48 10.20
O MSE B 150 -9.17 -8.01 11.31
CB MSE B 150 -7.56 -8.79 8.84
CG MSE B 150 -7.34 -9.98 7.99
SE MSE B 150 -5.48 -10.52 8.11
CE MSE B 150 -5.38 -10.70 9.98
N ALA B 151 -9.17 -6.17 10.01
CA ALA B 151 -9.14 -5.22 11.14
C ALA B 151 -10.20 -5.42 12.23
N PRO B 152 -11.47 -5.59 11.87
CA PRO B 152 -12.50 -5.75 12.91
C PRO B 152 -12.38 -7.11 13.64
N ALA B 153 -12.61 -7.09 14.96
CA ALA B 153 -12.60 -8.32 15.80
C ALA B 153 -13.62 -9.33 15.29
N ARG B 154 -14.82 -8.82 15.01
CA ARG B 154 -15.88 -9.59 14.35
C ARG B 154 -16.26 -8.85 13.07
N PRO B 155 -15.64 -9.23 11.94
CA PRO B 155 -15.95 -8.57 10.68
C PRO B 155 -17.35 -8.87 10.21
N GLY B 156 -17.94 -7.95 9.46
CA GLY B 156 -19.26 -8.13 8.92
C GLY B 156 -19.82 -6.86 8.32
N TRP B 157 -20.96 -7.01 7.66
CA TRP B 157 -21.66 -5.92 6.99
C TRP B 157 -22.69 -5.24 7.87
N ALA B 158 -22.82 -3.92 7.71
CA ALA B 158 -23.84 -3.11 8.36
C ALA B 158 -24.78 -2.60 7.26
N ILE B 159 -26.07 -2.46 7.60
CA ILE B 159 -27.10 -1.96 6.64
C ILE B 159 -28.00 -0.94 7.35
N GLY B 163 -30.36 0.77 4.69
CA GLY B 163 -30.48 0.34 3.29
C GLY B 163 -29.13 0.19 2.62
N ARG B 164 -28.28 1.21 2.75
CA ARG B 164 -26.94 1.20 2.15
C ARG B 164 -25.96 0.29 2.93
N ARG B 165 -25.33 -0.61 2.19
CA ARG B 165 -24.38 -1.58 2.76
C ARG B 165 -23.04 -0.90 3.09
N THR B 166 -22.52 -1.16 4.30
CA THR B 166 -21.21 -0.65 4.72
C THR B 166 -20.40 -1.71 5.48
N TRP B 167 -19.09 -1.50 5.55
CA TRP B 167 -18.16 -2.39 6.24
C TRP B 167 -17.46 -1.59 7.33
N PRO B 168 -17.99 -1.63 8.58
CA PRO B 168 -17.32 -0.88 9.64
C PRO B 168 -15.98 -1.44 10.05
N ILE B 169 -14.98 -0.57 10.20
CA ILE B 169 -13.69 -0.99 10.70
C ILE B 169 -13.38 -0.31 12.02
N ASP B 170 -12.58 -0.99 12.81
CA ASP B 170 -12.04 -0.46 14.05
C ASP B 170 -10.66 -1.08 14.21
N ARG B 171 -9.84 -0.45 15.05
CA ARG B 171 -8.47 -0.94 15.34
C ARG B 171 -7.61 -1.23 14.08
N TYR B 172 -7.84 -0.50 12.99
CA TYR B 172 -7.07 -0.75 11.76
C TYR B 172 -5.57 -0.55 11.96
N LEU B 173 -5.19 0.43 12.76
CA LEU B 173 -3.78 0.73 13.04
C LEU B 173 -3.19 -0.09 14.19
N VAL B 174 -3.99 -0.94 14.82
CA VAL B 174 -3.53 -1.75 15.96
C VAL B 174 -3.18 -3.11 15.38
N GLU B 175 -1.90 -3.29 15.08
CA GLU B 175 -1.40 -4.53 14.50
C GLU B 175 -1.25 -5.58 15.57
N GLY B 176 -1.33 -6.84 15.16
CA GLY B 176 -1.20 -7.96 16.06
C GLY B 176 -2.16 -9.08 15.74
N PRO B 177 -2.20 -10.10 16.60
CA PRO B 177 -3.08 -11.24 16.39
C PRO B 177 -4.56 -10.90 16.32
N ARG B 178 -5.27 -11.62 15.45
CA ARG B 178 -6.73 -11.56 15.34
C ARG B 178 -7.22 -12.98 15.59
N LYS B 179 -8.19 -13.10 16.50
CA LYS B 179 -8.75 -14.38 16.94
C LYS B 179 -10.19 -14.63 16.49
N THR B 180 -10.63 -13.98 15.39
CA THR B 180 -12.00 -14.14 14.86
C THR B 180 -12.40 -15.60 14.66
N ASP B 181 -11.48 -16.35 14.06
CA ASP B 181 -11.69 -17.77 13.79
C ASP B 181 -10.90 -18.72 14.71
N TRP B 182 -10.45 -18.21 15.85
CA TRP B 182 -9.74 -19.02 16.84
C TRP B 182 -10.60 -20.14 17.43
N LEU B 183 -11.77 -19.83 17.99
CA LEU B 183 -12.58 -20.88 18.62
C LEU B 183 -13.05 -21.94 17.61
N ALA B 184 -13.58 -21.51 16.47
CA ALA B 184 -14.11 -22.45 15.48
C ALA B 184 -13.05 -23.26 14.76
N LYS B 185 -11.98 -22.60 14.30
CA LYS B 185 -10.93 -23.22 13.48
C LYS B 185 -9.55 -23.42 14.09
N GLY B 186 -9.28 -22.85 15.27
CA GLY B 186 -7.97 -22.98 15.92
C GLY B 186 -6.84 -22.27 15.21
N VAL B 187 -7.15 -21.20 14.50
CA VAL B 187 -6.18 -20.40 13.76
C VAL B 187 -6.14 -18.96 14.30
N VAL B 188 -4.95 -18.39 14.26
CA VAL B 188 -4.67 -17.02 14.62
C VAL B 188 -4.14 -16.38 13.35
N LYS B 189 -4.70 -15.23 12.98
CA LYS B 189 -4.21 -14.46 11.84
C LYS B 189 -3.49 -13.25 12.41
N HIS B 190 -2.59 -12.66 11.61
CA HIS B 190 -1.76 -11.54 12.04
C HIS B 190 -2.09 -10.34 11.20
N HIS B 191 -2.64 -9.34 11.88
CA HIS B 191 -3.05 -8.10 11.26
C HIS B 191 -1.85 -7.18 11.06
N ARG B 192 -1.63 -6.81 9.81
CA ARG B 192 -0.61 -5.87 9.39
C ARG B 192 -1.22 -4.95 8.36
N THR B 193 -0.95 -3.67 8.49
CA THR B 193 -1.43 -2.70 7.52
C THR B 193 -0.73 -2.90 6.16
N VAL B 194 -1.28 -2.32 5.10
CA VAL B 194 -0.68 -2.41 3.77
C VAL B 194 0.76 -1.85 3.81
N GLY B 195 0.93 -0.69 4.45
CA GLY B 195 2.27 -0.09 4.59
C GLY B 195 3.26 -1.01 5.28
N THR B 196 2.84 -1.66 6.37
CA THR B 196 3.73 -2.59 7.11
C THR B 196 4.21 -3.71 6.19
N THR B 197 3.29 -4.32 5.47
CA THR B 197 3.60 -5.38 4.52
C THR B 197 4.58 -4.92 3.46
N LEU B 198 4.29 -3.82 2.80
CA LEU B 198 5.16 -3.34 1.72
C LEU B 198 6.52 -2.89 2.23
N ASN B 199 6.55 -2.20 3.37
CA ASN B 199 7.83 -1.77 3.96
C ASN B 199 8.71 -2.97 4.35
N ALA B 200 8.07 -4.04 4.84
CA ALA B 200 8.81 -5.27 5.19
C ALA B 200 9.45 -5.89 3.93
N LEU B 201 8.70 -5.89 2.81
CA LEU B 201 9.26 -6.37 1.55
C LEU B 201 10.45 -5.50 1.09
N ILE B 202 10.26 -4.19 1.09
CA ILE B 202 11.29 -3.24 0.64
C ILE B 202 12.56 -3.38 1.49
N ARG B 203 12.39 -3.34 2.81
CA ARG B 203 13.50 -3.50 3.77
C ARG B 203 14.25 -4.83 3.58
N SER B 204 13.51 -5.88 3.19
CA SER B 204 14.09 -7.22 2.95
C SER B 204 14.85 -7.37 1.63
N GLY B 205 14.79 -6.37 0.75
CA GLY B 205 15.53 -6.35 -0.52
C GLY B 205 14.69 -6.39 -1.78
N PHE B 206 13.37 -6.44 -1.66
CA PHE B 206 12.49 -6.49 -2.84
C PHE B 206 12.14 -5.10 -3.35
N ALA B 207 11.89 -5.02 -4.66
CA ALA B 207 11.37 -3.84 -5.32
C ALA B 207 9.90 -4.19 -5.59
N ILE B 208 8.98 -3.32 -5.18
CA ILE B 208 7.55 -3.53 -5.39
C ILE B 208 7.27 -3.33 -6.88
N GLU B 209 6.58 -4.29 -7.48
CA GLU B 209 6.24 -4.27 -8.91
CA GLU B 209 6.22 -4.22 -8.91
C GLU B 209 4.76 -3.92 -9.16
N HIS B 210 3.86 -4.46 -8.33
CA HIS B 210 2.42 -4.22 -8.51
C HIS B 210 1.68 -4.50 -7.20
N VAL B 211 0.73 -3.63 -6.86
CA VAL B 211 -0.10 -3.79 -5.66
C VAL B 211 -1.56 -3.71 -6.11
N GLU B 212 -2.37 -4.69 -5.73
CA GLU B 212 -3.77 -4.72 -6.10
C GLU B 212 -4.61 -5.06 -4.88
N GLU B 213 -5.56 -4.17 -4.58
CA GLU B 213 -6.56 -4.36 -3.54
C GLU B 213 -7.67 -4.89 -4.39
N PHE B 214 -7.84 -6.20 -4.32
CA PHE B 214 -8.58 -6.91 -5.34
C PHE B 214 -10.04 -6.52 -5.49
N CYS B 215 -10.38 -6.13 -6.72
CA CYS B 215 -11.73 -5.75 -7.07
C CYS B 215 -12.13 -6.62 -8.25
N PRO B 216 -13.17 -7.47 -8.06
CA PRO B 216 -13.65 -8.23 -9.22
C PRO B 216 -14.12 -7.32 -10.38
N THR B 217 -13.98 -7.81 -11.61
CA THR B 217 -14.41 -7.05 -12.78
C THR B 217 -15.94 -7.08 -12.88
N ASP B 218 -16.51 -6.17 -13.68
CA ASP B 218 -17.98 -6.14 -13.91
C ASP B 218 -18.52 -7.45 -14.50
N ALA B 219 -17.72 -8.09 -15.37
CA ALA B 219 -18.06 -9.40 -15.95
C ALA B 219 -18.13 -10.49 -14.86
N GLN B 220 -17.16 -10.47 -13.94
CA GLN B 220 -17.15 -11.42 -12.79
C GLN B 220 -18.37 -11.23 -11.88
N ILE B 221 -18.75 -9.97 -11.64
CA ILE B 221 -19.92 -9.61 -10.80
C ILE B 221 -21.25 -10.02 -11.48
N THR B 222 -21.32 -9.92 -12.81
CA THR B 222 -22.51 -10.36 -13.57
C THR B 222 -22.68 -11.90 -13.52
N ALA B 223 -21.57 -12.62 -13.69
CA ALA B 223 -21.56 -14.10 -13.61
C ALA B 223 -21.80 -14.62 -12.19
N ARG B 224 -21.31 -13.89 -11.19
CA ARG B 224 -21.44 -14.24 -9.76
C ARG B 224 -21.92 -13.01 -8.96
N PRO B 225 -23.26 -12.72 -8.98
CA PRO B 225 -23.91 -11.59 -8.27
C PRO B 225 -23.46 -11.31 -6.82
N GLU B 226 -23.09 -12.37 -6.09
CA GLU B 226 -22.53 -12.24 -4.72
C GLU B 226 -21.26 -11.39 -4.65
N LEU B 227 -20.49 -11.34 -5.74
CA LEU B 227 -19.24 -10.54 -5.82
C LEU B 227 -19.43 -9.01 -5.77
N ALA B 228 -20.66 -8.51 -5.99
CA ALA B 228 -20.97 -7.06 -5.94
C ALA B 228 -20.53 -6.37 -4.64
N GLU B 229 -20.61 -7.11 -3.52
CA GLU B 229 -20.20 -6.57 -2.22
C GLU B 229 -18.68 -6.29 -2.11
N GLU B 230 -17.84 -6.97 -2.91
CA GLU B 230 -16.38 -6.66 -2.91
C GLU B 230 -16.04 -5.30 -3.56
N LEU B 231 -17.00 -4.65 -4.26
CA LEU B 231 -16.83 -3.24 -4.70
C LEU B 231 -16.80 -2.28 -3.49
N ASP B 232 -17.42 -2.67 -2.38
CA ASP B 232 -17.46 -1.83 -1.18
C ASP B 232 -16.23 -1.93 -0.29
N ARG B 233 -15.63 -3.12 -0.23
CA ARG B 233 -14.42 -3.30 0.57
C ARG B 233 -13.62 -4.47 0.01
N PRO B 234 -12.29 -4.37 0.06
CA PRO B 234 -11.47 -5.45 -0.47
C PRO B 234 -11.29 -6.59 0.52
N MSE B 235 -11.41 -7.82 0.04
CA MSE B 235 -11.14 -8.99 0.86
C MSE B 235 -9.65 -9.35 0.82
O MSE B 235 -9.11 -9.84 1.82
CB MSE B 235 -11.97 -10.19 0.37
CG MSE B 235 -11.91 -11.36 1.31
SE MSE B 235 -13.09 -12.74 0.66
CE MSE B 235 -14.80 -11.92 1.00
N PHE B 236 -8.98 -9.09 -0.31
CA PHE B 236 -7.60 -9.50 -0.53
C PHE B 236 -6.65 -8.38 -0.94
N LEU B 237 -5.39 -8.54 -0.56
CA LEU B 237 -4.27 -7.70 -1.01
C LEU B 237 -3.39 -8.62 -1.85
N LEU B 238 -3.10 -8.19 -3.08
CA LEU B 238 -2.23 -8.94 -3.96
C LEU B 238 -0.98 -8.09 -4.17
N VAL B 239 0.20 -8.71 -4.01
CA VAL B 239 1.46 -8.02 -4.22
C VAL B 239 2.40 -8.82 -5.08
N SER B 240 3.08 -8.13 -6.01
CA SER B 240 4.17 -8.75 -6.78
CA SER B 240 4.14 -8.69 -6.84
C SER B 240 5.41 -7.88 -6.55
N ALA B 241 6.53 -8.56 -6.38
CA ALA B 241 7.81 -7.91 -6.14
C ALA B 241 8.91 -8.66 -6.86
N ARG B 242 10.02 -7.96 -7.11
CA ARG B 242 11.19 -8.48 -7.80
C ARG B 242 12.40 -8.31 -6.88
N ARG B 243 13.39 -9.19 -7.00
CA ARG B 243 14.64 -9.02 -6.23
C ARG B 243 15.81 -8.93 -7.20
C1 EDO C . -3.68 9.85 -4.20
O1 EDO C . -3.57 9.09 -5.41
C2 EDO C . -5.09 9.77 -3.59
O2 EDO C . -6.01 10.62 -4.25
C1 EDO D . -9.74 9.04 -9.98
O1 EDO D . -9.99 8.97 -8.58
C2 EDO D . -9.88 10.48 -10.43
O2 EDO D . -11.20 11.00 -10.13
C1 EDO E . -3.36 9.36 -17.46
O1 EDO E . -2.30 10.14 -16.90
C2 EDO E . -2.81 8.45 -18.56
O2 EDO E . -1.75 7.60 -18.09
C1 EDO F . 19.20 13.39 -6.03
O1 EDO F . 20.06 14.27 -6.73
C2 EDO F . 19.95 12.80 -4.84
O2 EDO F . 20.06 13.79 -3.79
C1 EDO G . 2.43 -0.65 -13.44
O1 EDO G . 3.01 0.25 -12.49
C2 EDO G . 1.50 -1.61 -12.72
O2 EDO G . 2.21 -2.20 -11.63
C1 EDO H . -21.31 7.69 9.05
O1 EDO H . -22.14 8.83 8.84
C2 EDO H . -21.62 7.05 10.40
O2 EDO H . -22.67 6.09 10.27
C1 EDO I . 16.26 16.51 8.77
O1 EDO I . 16.97 17.60 9.38
C2 EDO I . 16.53 16.55 7.28
O2 EDO I . 15.62 15.71 6.53
C1 EDO J . 0.65 -10.42 4.70
O1 EDO J . 0.46 -11.11 5.92
C2 EDO J . 2.11 -10.01 4.60
O2 EDO J . 2.45 -9.04 5.58
C1 EDO K . 1.79 -8.64 13.44
O1 EDO K . 2.96 -8.36 12.64
C2 EDO K . 2.13 -9.87 14.29
O2 EDO K . 1.04 -10.26 15.15
C1 EDO L . -0.81 -7.32 -13.17
O1 EDO L . -1.98 -6.99 -13.93
C2 EDO L . 0.42 -6.66 -13.74
O2 EDO L . 1.58 -7.08 -13.01
C1 EDO M . -3.04 -31.97 10.32
O1 EDO M . -3.90 -31.94 9.18
C2 EDO M . -2.29 -33.30 10.39
O2 EDO M . -1.28 -33.42 9.38
#